data_2XYH
#
_entry.id   2XYH
#
_cell.length_a   68.531
_cell.length_b   83.522
_cell.length_c   95.813
_cell.angle_alpha   90.00
_cell.angle_beta   90.00
_cell.angle_gamma   90.00
#
_symmetry.space_group_name_H-M   'I 2 2 2'
#
loop_
_entity.id
_entity.type
_entity.pdbx_description
1 polymer 'CASPASE-3 SUBUNIT P17'
2 polymer 'CASPASE-3 SUBUNIT P12'
3 non-polymer '5-CHLORO-4-OXOPENTANOIC ACID'
4 water water
#
loop_
_entity_poly.entity_id
_entity_poly.type
_entity_poly.pdbx_seq_one_letter_code
_entity_poly.pdbx_strand_id
1 'polypeptide(L)'
;SGISLDNSYKMDYPEMGLCIIINNKNFHKSTGMTSRSGTDVDAANLRETFRNLKYEVRNKNDLTREEIVELMRDVSKEDH
SKRSSFVCVLLSHGEEGIIFGTNGPVDLKKITNFFRGDRCRSLTGKPKLFIIQACRGTELDCGIET
;
A
2 'polypeptide(L)'
;HKIPVEADFLYAYSTAPGYYSWRNSKDGSWFIQSLCAMLKQYADKLEFMHILTRVNRKVATEFESFSFDATFHAKKQIPC
IVSMLTKELYFYH
;
B
#
loop_
_chem_comp.id
_chem_comp.type
_chem_comp.name
_chem_comp.formula
TQ9 non-polymer '5-CHLORO-4-OXOPENTANOIC ACID' 'C5 H7 Cl O3'
#
# COMPACT_ATOMS: atom_id res chain seq x y z
N SER A 1 4.79 37.77 5.68
CA SER A 1 3.87 37.08 6.63
C SER A 1 4.61 36.62 7.87
N GLY A 2 3.90 35.94 8.76
CA GLY A 2 4.52 35.45 9.98
C GLY A 2 5.44 34.26 9.78
N ILE A 3 5.97 33.75 10.87
CA ILE A 3 6.88 32.62 10.82
C ILE A 3 6.28 31.48 10.01
N SER A 4 7.07 30.97 9.07
CA SER A 4 6.62 29.88 8.20
C SER A 4 7.45 28.64 8.42
N LEU A 5 6.80 27.55 8.79
CA LEU A 5 7.49 26.30 9.02
C LEU A 5 7.05 25.33 7.92
N ASP A 6 7.94 24.44 7.55
CA ASP A 6 7.63 23.46 6.51
C ASP A 6 7.76 22.06 7.06
N ASN A 7 7.01 21.78 8.12
CA ASN A 7 7.05 20.46 8.75
C ASN A 7 6.04 19.49 8.16
N SER A 8 5.11 19.99 7.36
CA SER A 8 4.10 19.12 6.76
C SER A 8 3.96 19.34 5.26
N TYR A 9 3.71 18.26 4.53
CA TYR A 9 3.54 18.34 3.08
C TYR A 9 2.38 19.24 2.72
N LYS A 10 2.50 19.91 1.57
CA LYS A 10 1.45 20.78 1.07
C LYS A 10 0.41 19.84 0.48
N MET A 11 -0.74 19.77 1.13
CA MET A 11 -1.80 18.88 0.66
C MET A 11 -3.06 19.62 0.23
N ASP A 12 -2.90 20.90 -0.11
CA ASP A 12 -4.03 21.69 -0.55
C ASP A 12 -3.98 22.03 -2.03
N TYR A 13 -3.32 21.18 -2.81
CA TYR A 13 -3.29 21.39 -4.26
C TYR A 13 -4.73 21.17 -4.71
N PRO A 14 -5.06 21.57 -5.95
CA PRO A 14 -6.42 21.38 -6.46
C PRO A 14 -6.93 19.96 -6.32
N GLU A 15 -6.02 19.00 -6.46
CA GLU A 15 -6.35 17.58 -6.35
C GLU A 15 -5.46 16.87 -5.35
N MET A 16 -6.01 15.88 -4.64
CA MET A 16 -5.23 15.11 -3.69
C MET A 16 -4.27 14.24 -4.49
N GLY A 17 -4.76 13.72 -5.62
CA GLY A 17 -3.94 12.88 -6.46
C GLY A 17 -4.61 11.56 -6.83
N LEU A 18 -3.87 10.71 -7.54
CA LEU A 18 -4.38 9.41 -7.95
C LEU A 18 -4.17 8.32 -6.91
N CYS A 19 -5.07 7.35 -6.91
CA CYS A 19 -4.98 6.20 -6.04
C CYS A 19 -5.17 5.02 -6.99
N ILE A 20 -4.07 4.44 -7.43
CA ILE A 20 -4.13 3.30 -8.34
C ILE A 20 -4.19 2.01 -7.54
N ILE A 21 -5.25 1.24 -7.73
CA ILE A 21 -5.43 -0.02 -7.02
C ILE A 21 -5.32 -1.19 -7.98
N ILE A 22 -4.31 -2.03 -7.77
CA ILE A 22 -4.14 -3.21 -8.61
C ILE A 22 -4.57 -4.43 -7.82
N ASN A 23 -5.69 -5.00 -8.24
CA ASN A 23 -6.28 -6.15 -7.58
C ASN A 23 -6.15 -7.44 -8.38
N ASN A 24 -5.14 -8.25 -8.05
CA ASN A 24 -4.93 -9.51 -8.75
C ASN A 24 -5.50 -10.67 -7.95
N LYS A 25 -6.53 -11.30 -8.50
CA LYS A 25 -7.22 -12.41 -7.86
C LYS A 25 -7.02 -13.73 -8.61
N ASN A 26 -7.10 -13.68 -9.93
CA ASN A 26 -6.95 -14.86 -10.78
C ASN A 26 -5.58 -14.88 -11.47
N PHE A 27 -4.84 -15.96 -11.25
CA PHE A 27 -3.52 -16.10 -11.85
C PHE A 27 -3.46 -17.23 -12.87
N HIS A 28 -2.50 -17.16 -13.78
CA HIS A 28 -2.34 -18.18 -14.81
C HIS A 28 -1.89 -19.50 -14.21
N LYS A 29 -2.42 -20.59 -14.77
CA LYS A 29 -2.12 -21.95 -14.32
C LYS A 29 -0.63 -22.29 -14.18
N SER A 30 0.16 -21.94 -15.19
CA SER A 30 1.59 -22.24 -15.17
C SER A 30 2.35 -21.55 -14.06
N THR A 31 1.78 -20.47 -13.53
CA THR A 31 2.43 -19.74 -12.44
C THR A 31 2.37 -20.59 -11.18
N GLY A 32 1.29 -21.36 -11.05
CA GLY A 32 1.13 -22.22 -9.89
C GLY A 32 0.57 -21.44 -8.71
N MET A 33 -0.17 -20.37 -9.01
CA MET A 33 -0.76 -19.54 -7.96
C MET A 33 -2.27 -19.71 -7.87
N THR A 34 -2.78 -19.65 -6.65
CA THR A 34 -4.21 -19.81 -6.40
C THR A 34 -4.96 -18.48 -6.44
N SER A 35 -6.28 -18.56 -6.52
CA SER A 35 -7.13 -17.38 -6.56
C SER A 35 -7.14 -16.74 -5.18
N ARG A 36 -7.03 -15.42 -5.13
CA ARG A 36 -7.01 -14.69 -3.87
C ARG A 36 -8.41 -14.29 -3.43
N SER A 37 -9.18 -15.26 -2.95
CA SER A 37 -10.55 -15.03 -2.49
C SER A 37 -10.64 -13.94 -1.43
N GLY A 38 -11.63 -13.07 -1.58
CA GLY A 38 -11.82 -11.99 -0.62
C GLY A 38 -11.07 -10.73 -0.99
N THR A 39 -10.25 -10.80 -2.03
CA THR A 39 -9.48 -9.64 -2.45
C THR A 39 -10.39 -8.53 -2.99
N ASP A 40 -11.53 -8.90 -3.54
CA ASP A 40 -12.45 -7.90 -4.06
C ASP A 40 -13.01 -7.08 -2.91
N VAL A 41 -13.11 -7.70 -1.74
CA VAL A 41 -13.60 -7.00 -0.56
C VAL A 41 -12.60 -5.87 -0.25
N ASP A 42 -11.31 -6.20 -0.28
CA ASP A 42 -10.25 -5.21 -0.03
C ASP A 42 -10.31 -4.09 -1.06
N ALA A 43 -10.41 -4.47 -2.33
CA ALA A 43 -10.44 -3.49 -3.42
C ALA A 43 -11.58 -2.48 -3.26
N ALA A 44 -12.76 -2.98 -2.91
CA ALA A 44 -13.92 -2.11 -2.74
C ALA A 44 -13.75 -1.24 -1.50
N ASN A 45 -13.21 -1.81 -0.43
CA ASN A 45 -13.02 -1.08 0.82
C ASN A 45 -12.05 0.09 0.55
N LEU A 46 -10.99 -0.19 -0.17
CA LEU A 46 -9.98 0.83 -0.50
C LEU A 46 -10.54 1.92 -1.40
N ARG A 47 -11.33 1.51 -2.39
CA ARG A 47 -11.93 2.46 -3.32
C ARG A 47 -12.78 3.48 -2.56
N GLU A 48 -13.62 2.98 -1.66
CA GLU A 48 -14.50 3.84 -0.86
C GLU A 48 -13.70 4.71 0.12
N THR A 49 -12.76 4.07 0.81
CA THR A 49 -11.93 4.78 1.79
C THR A 49 -11.18 5.95 1.14
N PHE A 50 -10.51 5.70 0.02
CA PHE A 50 -9.77 6.78 -0.62
C PHE A 50 -10.66 7.76 -1.37
N ARG A 51 -11.85 7.31 -1.76
CA ARG A 51 -12.80 8.19 -2.44
C ARG A 51 -13.18 9.29 -1.43
N ASN A 52 -13.37 8.90 -0.18
CA ASN A 52 -13.74 9.86 0.86
C ASN A 52 -12.59 10.77 1.27
N LEU A 53 -11.38 10.44 0.85
CA LEU A 53 -10.21 11.27 1.13
C LEU A 53 -9.96 12.17 -0.07
N LYS A 54 -10.86 12.07 -1.04
CA LYS A 54 -10.83 12.87 -2.27
C LYS A 54 -9.76 12.47 -3.28
N TYR A 55 -9.38 11.20 -3.29
CA TYR A 55 -8.39 10.72 -4.26
C TYR A 55 -9.12 10.24 -5.50
N GLU A 56 -8.49 10.40 -6.66
CA GLU A 56 -9.05 9.95 -7.93
C GLU A 56 -8.67 8.47 -8.01
N VAL A 57 -9.58 7.61 -7.58
CA VAL A 57 -9.32 6.17 -7.58
C VAL A 57 -9.50 5.50 -8.94
N ARG A 58 -8.54 4.65 -9.29
CA ARG A 58 -8.60 3.90 -10.53
C ARG A 58 -8.33 2.45 -10.17
N ASN A 59 -9.35 1.61 -10.29
CA ASN A 59 -9.21 0.19 -9.97
C ASN A 59 -8.84 -0.62 -11.21
N LYS A 60 -7.88 -1.52 -11.05
CA LYS A 60 -7.43 -2.39 -12.13
C LYS A 60 -7.46 -3.83 -11.62
N ASN A 61 -7.99 -4.74 -12.43
CA ASN A 61 -8.11 -6.13 -12.02
C ASN A 61 -7.33 -7.11 -12.89
N ASP A 62 -6.74 -8.10 -12.24
CA ASP A 62 -5.98 -9.16 -12.91
C ASP A 62 -5.05 -8.70 -14.02
N LEU A 63 -4.02 -7.94 -13.64
CA LEU A 63 -3.05 -7.45 -14.62
C LEU A 63 -1.81 -8.35 -14.68
N THR A 64 -1.35 -8.60 -15.90
CA THR A 64 -0.15 -9.41 -16.10
C THR A 64 1.03 -8.55 -15.67
N ARG A 65 2.21 -9.15 -15.57
CA ARG A 65 3.41 -8.41 -15.18
C ARG A 65 3.66 -7.29 -16.19
N GLU A 66 3.40 -7.56 -17.47
CA GLU A 66 3.59 -6.56 -18.52
C GLU A 66 2.65 -5.38 -18.35
N GLU A 67 1.39 -5.68 -18.04
CA GLU A 67 0.40 -4.63 -17.86
C GLU A 67 0.67 -3.78 -16.63
N ILE A 68 1.23 -4.38 -15.59
CA ILE A 68 1.56 -3.65 -14.37
C ILE A 68 2.64 -2.62 -14.67
N VAL A 69 3.70 -3.07 -15.34
CA VAL A 69 4.81 -2.17 -15.68
C VAL A 69 4.35 -1.07 -16.64
N GLU A 70 3.52 -1.42 -17.60
CA GLU A 70 3.01 -0.45 -18.57
C GLU A 70 2.11 0.58 -17.89
N LEU A 71 1.27 0.11 -16.97
CA LEU A 71 0.34 0.99 -16.25
C LEU A 71 1.12 1.99 -15.41
N MET A 72 2.07 1.50 -14.64
CA MET A 72 2.88 2.35 -13.77
C MET A 72 3.70 3.35 -14.59
N ARG A 73 4.22 2.90 -15.72
CA ARG A 73 5.01 3.76 -16.59
C ARG A 73 4.12 4.89 -17.12
N ASP A 74 2.94 4.54 -17.61
CA ASP A 74 2.00 5.53 -18.16
C ASP A 74 1.54 6.52 -17.08
N VAL A 75 1.28 6.02 -15.88
CA VAL A 75 0.84 6.87 -14.79
C VAL A 75 1.92 7.85 -14.36
N SER A 76 3.17 7.38 -14.32
CA SER A 76 4.29 8.23 -13.93
C SER A 76 4.55 9.31 -14.99
N LYS A 77 4.05 9.09 -16.20
CA LYS A 77 4.24 10.03 -17.29
C LYS A 77 3.13 11.08 -17.38
N GLU A 78 2.13 10.97 -16.52
CA GLU A 78 1.04 11.93 -16.50
C GLU A 78 1.55 13.20 -15.84
N ASP A 79 0.83 14.30 -16.01
CA ASP A 79 1.23 15.56 -15.39
C ASP A 79 0.55 15.64 -14.02
N HIS A 80 1.33 15.45 -12.96
CA HIS A 80 0.79 15.46 -11.60
C HIS A 80 0.98 16.83 -10.95
N SER A 81 1.22 17.86 -11.76
CA SER A 81 1.45 19.22 -11.25
C SER A 81 0.39 19.74 -10.28
N LYS A 82 -0.88 19.49 -10.56
CA LYS A 82 -1.95 19.98 -9.69
C LYS A 82 -2.40 18.96 -8.65
N ARG A 83 -1.60 17.91 -8.46
CA ARG A 83 -1.93 16.87 -7.48
C ARG A 83 -0.99 16.94 -6.29
N SER A 84 -1.54 16.77 -5.09
CA SER A 84 -0.75 16.84 -3.86
C SER A 84 0.11 15.61 -3.58
N SER A 85 -0.34 14.45 -4.03
CA SER A 85 0.40 13.22 -3.76
C SER A 85 0.05 12.12 -4.75
N PHE A 86 0.61 10.93 -4.50
CA PHE A 86 0.33 9.77 -5.34
C PHE A 86 0.19 8.55 -4.44
N VAL A 87 -0.80 7.71 -4.74
CA VAL A 87 -1.03 6.50 -3.96
C VAL A 87 -1.21 5.30 -4.89
N CYS A 88 -0.53 4.21 -4.57
CA CYS A 88 -0.64 2.97 -5.34
C CYS A 88 -0.84 1.83 -4.36
N VAL A 89 -1.90 1.05 -4.56
CA VAL A 89 -2.18 -0.08 -3.69
C VAL A 89 -2.04 -1.37 -4.49
N LEU A 90 -1.22 -2.29 -3.99
CA LEU A 90 -1.00 -3.57 -4.67
C LEU A 90 -1.55 -4.73 -3.84
N LEU A 91 -2.47 -5.47 -4.44
CA LEU A 91 -3.10 -6.61 -3.79
C LEU A 91 -2.78 -7.85 -4.64
N SER A 92 -1.92 -8.73 -4.14
CA SER A 92 -1.56 -9.91 -4.91
C SER A 92 -0.66 -10.85 -4.12
N HIS A 93 -0.24 -11.94 -4.78
CA HIS A 93 0.67 -12.88 -4.15
C HIS A 93 2.00 -12.15 -4.19
N GLY A 94 2.95 -12.58 -3.37
CA GLY A 94 4.24 -11.92 -3.39
C GLY A 94 5.31 -12.62 -2.58
N GLU A 95 6.53 -12.10 -2.67
CA GLU A 95 7.68 -12.61 -1.94
C GLU A 95 8.46 -11.36 -1.57
N GLU A 96 9.57 -11.51 -0.86
CA GLU A 96 10.34 -10.33 -0.48
C GLU A 96 10.76 -9.53 -1.70
N GLY A 97 10.34 -8.26 -1.74
CA GLY A 97 10.68 -7.37 -2.83
C GLY A 97 9.98 -7.63 -4.15
N ILE A 98 8.98 -8.52 -4.13
CA ILE A 98 8.27 -8.88 -5.36
C ILE A 98 6.75 -8.90 -5.22
N ILE A 99 6.09 -8.47 -6.30
CA ILE A 99 4.64 -8.47 -6.38
C ILE A 99 4.33 -9.27 -7.65
N PHE A 100 3.33 -10.14 -7.59
CA PHE A 100 3.01 -10.96 -8.74
C PHE A 100 1.93 -10.48 -9.68
N GLY A 101 2.26 -10.47 -10.97
CA GLY A 101 1.30 -10.14 -11.99
C GLY A 101 0.58 -11.47 -12.14
N THR A 102 -0.45 -11.52 -12.97
CA THR A 102 -1.18 -12.77 -13.16
C THR A 102 -0.38 -13.87 -13.85
N ASN A 103 0.66 -13.46 -14.59
CA ASN A 103 1.48 -14.42 -15.33
C ASN A 103 2.93 -14.46 -14.90
N GLY A 104 3.26 -13.75 -13.83
CA GLY A 104 4.64 -13.74 -13.38
C GLY A 104 4.94 -12.63 -12.39
N PRO A 105 6.17 -12.60 -11.85
CA PRO A 105 6.60 -11.59 -10.88
C PRO A 105 7.01 -10.25 -11.46
N VAL A 106 7.01 -9.25 -10.59
CA VAL A 106 7.41 -7.89 -10.93
C VAL A 106 8.19 -7.39 -9.72
N ASP A 107 9.42 -6.93 -9.94
CA ASP A 107 10.22 -6.40 -8.84
C ASP A 107 9.57 -5.09 -8.40
N LEU A 108 9.35 -4.94 -7.09
CA LEU A 108 8.74 -3.72 -6.58
C LEU A 108 9.58 -2.51 -6.96
N LYS A 109 10.89 -2.70 -7.00
CA LYS A 109 11.80 -1.62 -7.36
C LYS A 109 11.53 -1.07 -8.76
N LYS A 110 11.18 -1.97 -9.68
CA LYS A 110 10.88 -1.55 -11.05
C LYS A 110 9.64 -0.67 -11.08
N ILE A 111 8.67 -1.01 -10.25
CA ILE A 111 7.43 -0.24 -10.16
C ILE A 111 7.67 1.14 -9.55
N THR A 112 8.36 1.16 -8.40
CA THR A 112 8.61 2.43 -7.72
C THR A 112 9.62 3.34 -8.41
N ASN A 113 10.52 2.77 -9.21
CA ASN A 113 11.53 3.59 -9.90
C ASN A 113 10.92 4.61 -10.86
N PHE A 114 9.77 4.29 -11.45
CA PHE A 114 9.13 5.22 -12.38
C PHE A 114 8.79 6.54 -11.69
N PHE A 115 8.65 6.49 -10.36
CA PHE A 115 8.28 7.66 -9.59
C PHE A 115 9.41 8.34 -8.83
N ARG A 116 10.66 7.94 -9.09
CA ARG A 116 11.79 8.57 -8.41
C ARG A 116 11.75 10.07 -8.65
N GLY A 117 12.29 10.83 -7.70
CA GLY A 117 12.30 12.28 -7.81
C GLY A 117 12.85 12.82 -9.11
N ASP A 118 13.75 12.07 -9.74
CA ASP A 118 14.35 12.51 -10.99
C ASP A 118 13.65 11.96 -12.23
N ARG A 119 12.73 11.01 -12.05
CA ARG A 119 12.02 10.42 -13.19
C ARG A 119 10.56 10.85 -13.35
N CYS A 120 9.96 11.40 -12.29
CA CYS A 120 8.60 11.91 -12.35
C CYS A 120 8.68 13.27 -11.68
N ARG A 121 9.07 14.29 -12.46
CA ARG A 121 9.24 15.63 -11.94
C ARG A 121 8.01 16.30 -11.34
N SER A 122 6.82 15.93 -11.83
CA SER A 122 5.61 16.54 -11.29
C SER A 122 5.24 15.97 -9.94
N LEU A 123 6.05 15.04 -9.44
CA LEU A 123 5.80 14.46 -8.12
C LEU A 123 7.00 14.71 -7.21
N THR A 124 8.02 15.37 -7.73
CA THR A 124 9.20 15.67 -6.93
C THR A 124 8.78 16.49 -5.72
N GLY A 125 9.24 16.10 -4.54
CA GLY A 125 8.89 16.82 -3.32
C GLY A 125 7.50 16.49 -2.77
N LYS A 126 6.79 15.60 -3.45
CA LYS A 126 5.45 15.22 -3.01
C LYS A 126 5.45 13.77 -2.52
N PRO A 127 4.58 13.46 -1.54
CA PRO A 127 4.52 12.11 -0.98
C PRO A 127 4.00 11.06 -1.96
N LYS A 128 4.78 9.98 -2.10
CA LYS A 128 4.46 8.86 -2.97
C LYS A 128 4.26 7.65 -2.08
N LEU A 129 3.00 7.25 -1.92
CA LEU A 129 2.65 6.14 -1.04
C LEU A 129 2.34 4.83 -1.75
N PHE A 130 3.03 3.77 -1.34
CA PHE A 130 2.81 2.45 -1.90
C PHE A 130 2.35 1.54 -0.77
N ILE A 131 1.12 1.05 -0.90
CA ILE A 131 0.52 0.17 0.11
C ILE A 131 0.53 -1.23 -0.48
N ILE A 132 1.26 -2.13 0.18
CA ILE A 132 1.40 -3.50 -0.33
C ILE A 132 0.84 -4.64 0.51
N GLN A 133 -0.23 -5.25 0.01
CA GLN A 133 -0.87 -6.38 0.65
C GLN A 133 -0.39 -7.59 -0.13
N ALA A 134 0.63 -8.25 0.39
CA ALA A 134 1.22 -9.43 -0.25
C ALA A 134 2.29 -10.01 0.67
N CYS A 135 2.54 -11.31 0.53
CA CYS A 135 3.56 -11.94 1.35
C CYS A 135 4.93 -11.41 1.00
N ARG A 136 5.84 -11.46 1.96
CA ARG A 136 7.21 -11.00 1.77
C ARG A 136 8.11 -12.19 2.13
N GLY A 137 7.51 -13.38 2.08
CA GLY A 137 8.23 -14.58 2.42
C GLY A 137 7.25 -15.61 2.93
N THR A 138 7.77 -16.66 3.57
CA THR A 138 6.92 -17.72 4.08
C THR A 138 6.94 -17.88 5.59
N GLU A 139 7.77 -17.11 6.28
CA GLU A 139 7.85 -17.19 7.73
C GLU A 139 6.51 -16.93 8.39
N LEU A 140 6.23 -17.64 9.48
CA LEU A 140 4.98 -17.48 10.22
C LEU A 140 5.32 -17.03 11.63
N ASP A 141 4.58 -16.05 12.13
CA ASP A 141 4.81 -15.50 13.46
C ASP A 141 3.95 -16.27 14.47
N CYS A 142 4.60 -17.03 15.36
CA CYS A 142 3.88 -17.83 16.36
C CYS A 142 3.29 -16.98 17.47
N GLY A 143 3.74 -15.74 17.59
CA GLY A 143 3.25 -14.84 18.61
C GLY A 143 3.62 -15.24 20.03
N ILE A 144 3.25 -14.40 20.98
CA ILE A 144 3.52 -14.65 22.39
C ILE A 144 2.34 -14.13 23.20
N GLU A 145 1.90 -14.91 24.19
CA GLU A 145 0.77 -14.51 25.02
C GLU A 145 1.14 -13.34 25.92
N THR A 146 0.22 -12.38 26.03
CA THR A 146 0.45 -11.20 26.86
C THR A 146 -0.40 -11.23 28.13
N HIS B 1 20.67 22.02 -2.68
CA HIS B 1 19.97 22.36 -3.94
C HIS B 1 19.33 21.11 -4.55
N LYS B 2 19.64 19.95 -3.99
CA LYS B 2 19.08 18.69 -4.48
C LYS B 2 18.51 17.88 -3.32
N ILE B 3 17.70 16.89 -3.67
CA ILE B 3 17.11 15.98 -2.70
C ILE B 3 17.34 14.59 -3.27
N PRO B 4 17.35 13.57 -2.39
CA PRO B 4 17.55 12.19 -2.85
C PRO B 4 16.43 11.78 -3.79
N VAL B 5 16.74 10.96 -4.77
CA VAL B 5 15.72 10.49 -5.71
C VAL B 5 14.80 9.49 -5.01
N GLU B 6 15.26 8.94 -3.89
CA GLU B 6 14.48 7.97 -3.13
C GLU B 6 13.68 8.63 -2.01
N ALA B 7 13.83 9.94 -1.86
CA ALA B 7 13.10 10.67 -0.82
C ALA B 7 11.62 10.81 -1.14
N ASP B 8 10.83 11.01 -0.09
CA ASP B 8 9.39 11.21 -0.19
C ASP B 8 8.57 9.98 -0.61
N PHE B 9 9.09 8.81 -0.28
CA PHE B 9 8.41 7.54 -0.56
C PHE B 9 8.01 6.95 0.79
N LEU B 10 6.83 6.33 0.85
CA LEU B 10 6.36 5.68 2.06
C LEU B 10 5.83 4.33 1.60
N TYR B 11 6.36 3.26 2.19
CA TYR B 11 5.92 1.91 1.85
C TYR B 11 5.20 1.32 3.06
N ALA B 12 3.90 1.15 2.94
CA ALA B 12 3.11 0.57 4.03
C ALA B 12 2.93 -0.91 3.74
N TYR B 13 3.83 -1.72 4.26
CA TYR B 13 3.76 -3.16 4.06
C TYR B 13 2.78 -3.80 5.01
N SER B 14 2.06 -4.80 4.51
CA SER B 14 1.06 -5.51 5.31
C SER B 14 1.73 -6.39 6.35
N THR B 15 2.99 -6.73 6.12
CA THR B 15 3.70 -7.62 7.02
C THR B 15 5.21 -7.34 7.08
N ALA B 16 5.85 -7.92 8.09
CA ALA B 16 7.28 -7.74 8.29
C ALA B 16 8.10 -8.46 7.20
N PRO B 17 9.35 -8.03 6.99
CA PRO B 17 10.20 -8.65 5.98
C PRO B 17 10.34 -10.16 6.21
N GLY B 18 10.19 -10.93 5.14
CA GLY B 18 10.32 -12.37 5.22
C GLY B 18 9.09 -13.12 5.71
N TYR B 19 8.05 -12.38 6.09
CA TYR B 19 6.83 -13.02 6.60
C TYR B 19 5.62 -13.15 5.70
N TYR B 20 4.79 -14.10 6.08
CA TYR B 20 3.53 -14.42 5.42
C TYR B 20 2.58 -13.24 5.65
N SER B 21 1.59 -13.08 4.78
CA SER B 21 0.60 -12.02 4.95
C SER B 21 -0.77 -12.68 4.91
N TRP B 22 -1.54 -12.50 5.98
CA TRP B 22 -2.85 -13.13 6.11
C TRP B 22 -4.06 -12.44 5.49
N ARG B 23 -4.92 -13.27 4.90
CA ARG B 23 -6.13 -12.78 4.25
C ARG B 23 -7.32 -13.67 4.57
N ASN B 24 -8.46 -13.05 4.84
CA ASN B 24 -9.69 -13.79 5.14
C ASN B 24 -10.59 -13.72 3.91
N SER B 25 -10.99 -14.89 3.42
CA SER B 25 -11.82 -14.99 2.23
C SER B 25 -13.09 -14.15 2.26
N LYS B 26 -13.66 -13.96 3.45
CA LYS B 26 -14.89 -13.20 3.57
C LYS B 26 -14.73 -11.73 3.95
N ASP B 27 -13.79 -11.44 4.84
CA ASP B 27 -13.57 -10.08 5.30
C ASP B 27 -12.44 -9.32 4.61
N GLY B 28 -11.64 -10.04 3.83
CA GLY B 28 -10.52 -9.40 3.14
C GLY B 28 -9.27 -9.59 3.98
N SER B 29 -8.17 -8.97 3.57
CA SER B 29 -6.92 -9.11 4.30
C SER B 29 -6.95 -8.39 5.64
N TRP B 30 -6.24 -8.93 6.61
CA TRP B 30 -6.18 -8.33 7.94
C TRP B 30 -5.70 -6.88 7.85
N PHE B 31 -4.65 -6.69 7.06
CA PHE B 31 -4.04 -5.37 6.89
C PHE B 31 -4.96 -4.34 6.23
N ILE B 32 -5.51 -4.69 5.07
CA ILE B 32 -6.38 -3.75 4.38
C ILE B 32 -7.62 -3.45 5.20
N GLN B 33 -8.18 -4.46 5.86
CA GLN B 33 -9.36 -4.26 6.71
C GLN B 33 -9.03 -3.18 7.75
N SER B 34 -7.91 -3.38 8.43
CA SER B 34 -7.45 -2.48 9.46
C SER B 34 -7.07 -1.10 8.96
N LEU B 35 -6.39 -1.04 7.82
CA LEU B 35 -5.98 0.24 7.24
C LEU B 35 -7.17 1.11 6.90
N CYS B 36 -8.18 0.53 6.26
CA CYS B 36 -9.37 1.30 5.88
C CYS B 36 -10.13 1.76 7.12
N ALA B 37 -10.23 0.89 8.12
CA ALA B 37 -10.94 1.25 9.35
C ALA B 37 -10.26 2.43 10.04
N MET B 38 -8.93 2.40 10.11
CA MET B 38 -8.19 3.47 10.76
C MET B 38 -8.21 4.77 9.95
N LEU B 39 -8.17 4.66 8.62
CA LEU B 39 -8.23 5.86 7.78
C LEU B 39 -9.61 6.49 7.89
N LYS B 40 -10.64 5.66 7.93
CA LYS B 40 -12.00 6.17 8.05
C LYS B 40 -12.19 6.90 9.38
N GLN B 41 -11.61 6.35 10.43
CA GLN B 41 -11.75 6.95 11.75
C GLN B 41 -10.77 8.08 12.10
N TYR B 42 -9.57 8.06 11.52
CA TYR B 42 -8.56 9.05 11.86
C TYR B 42 -7.96 9.95 10.79
N ALA B 43 -8.32 9.75 9.53
CA ALA B 43 -7.74 10.57 8.46
C ALA B 43 -7.93 12.07 8.64
N ASP B 44 -9.00 12.48 9.31
CA ASP B 44 -9.24 13.90 9.52
C ASP B 44 -8.80 14.32 10.92
N LYS B 45 -8.02 13.47 11.58
CA LYS B 45 -7.58 13.75 12.94
C LYS B 45 -6.11 13.51 13.27
N LEU B 46 -5.50 12.52 12.63
CA LEU B 46 -4.11 12.17 12.93
C LEU B 46 -3.13 12.23 11.76
N GLU B 47 -1.85 12.44 12.09
CA GLU B 47 -0.80 12.47 11.08
C GLU B 47 -0.70 11.02 10.58
N PHE B 48 -0.38 10.84 9.30
CA PHE B 48 -0.31 9.51 8.69
C PHE B 48 0.49 8.43 9.41
N MET B 49 1.66 8.75 9.93
CA MET B 49 2.46 7.74 10.63
C MET B 49 1.71 7.25 11.88
N HIS B 50 1.00 8.15 12.53
CA HIS B 50 0.26 7.77 13.73
C HIS B 50 -0.96 6.93 13.35
N ILE B 51 -1.53 7.18 12.18
CA ILE B 51 -2.68 6.39 11.73
C ILE B 51 -2.14 4.98 11.46
N LEU B 52 -1.02 4.90 10.75
CA LEU B 52 -0.42 3.61 10.43
C LEU B 52 0.01 2.85 11.68
N THR B 53 0.34 3.58 12.74
CA THR B 53 0.74 2.95 14.00
C THR B 53 -0.48 2.28 14.62
N ARG B 54 -1.66 2.89 14.48
CA ARG B 54 -2.89 2.32 15.00
C ARG B 54 -3.20 1.05 14.20
N VAL B 55 -2.89 1.10 12.90
CA VAL B 55 -3.11 -0.07 12.04
C VAL B 55 -2.24 -1.22 12.54
N ASN B 56 -0.99 -0.93 12.88
CA ASN B 56 -0.08 -1.96 13.38
C ASN B 56 -0.66 -2.62 14.64
N ARG B 57 -1.16 -1.81 15.57
CA ARG B 57 -1.72 -2.34 16.81
C ARG B 57 -3.00 -3.15 16.58
N LYS B 58 -3.84 -2.69 15.66
CA LYS B 58 -5.09 -3.38 15.36
C LYS B 58 -4.81 -4.76 14.77
N VAL B 59 -3.89 -4.82 13.81
CA VAL B 59 -3.55 -6.10 13.19
C VAL B 59 -2.89 -7.03 14.19
N ALA B 60 -1.93 -6.49 14.95
CA ALA B 60 -1.19 -7.28 15.93
C ALA B 60 -2.02 -7.84 17.08
N THR B 61 -3.04 -7.11 17.52
CA THR B 61 -3.85 -7.56 18.64
C THR B 61 -5.18 -8.25 18.34
N GLU B 62 -5.87 -7.81 17.30
CA GLU B 62 -7.19 -8.35 16.99
C GLU B 62 -7.27 -9.54 16.04
N PHE B 63 -6.16 -9.89 15.42
CA PHE B 63 -6.17 -11.01 14.47
C PHE B 63 -5.25 -12.17 14.85
N GLU B 64 -5.70 -13.38 14.55
CA GLU B 64 -4.95 -14.60 14.80
C GLU B 64 -5.52 -15.64 13.85
N SER B 65 -4.65 -16.39 13.18
CA SER B 65 -5.13 -17.37 12.23
C SER B 65 -5.73 -18.62 12.87
N PHE B 66 -6.62 -19.25 12.11
CA PHE B 66 -7.27 -20.49 12.53
C PHE B 66 -7.13 -21.41 11.33
N SER B 67 -6.51 -22.55 11.53
CA SER B 67 -6.32 -23.50 10.44
C SER B 67 -6.37 -24.93 10.91
N PHE B 68 -6.90 -25.81 10.06
CA PHE B 68 -6.97 -27.24 10.37
C PHE B 68 -5.55 -27.79 10.28
N ASP B 69 -4.68 -27.03 9.62
CA ASP B 69 -3.28 -27.40 9.45
C ASP B 69 -2.50 -26.72 10.56
N ALA B 70 -1.97 -27.53 11.49
CA ALA B 70 -1.21 -26.99 12.62
C ALA B 70 -0.11 -26.03 12.20
N THR B 71 0.48 -26.27 11.04
CA THR B 71 1.56 -25.42 10.53
C THR B 71 1.11 -23.97 10.39
N PHE B 72 -0.13 -23.76 9.97
CA PHE B 72 -0.65 -22.41 9.77
C PHE B 72 -1.64 -21.93 10.82
N HIS B 73 -1.78 -22.68 11.90
CA HIS B 73 -2.73 -22.33 12.95
C HIS B 73 -2.17 -21.42 14.05
N ALA B 74 -3.04 -20.54 14.55
CA ALA B 74 -2.71 -19.61 15.62
C ALA B 74 -1.51 -18.70 15.35
N LYS B 75 -1.40 -18.21 14.12
CA LYS B 75 -0.29 -17.33 13.78
C LYS B 75 -0.71 -15.86 13.89
N LYS B 76 0.28 -14.98 14.05
CA LYS B 76 0.03 -13.56 14.21
C LYS B 76 0.70 -12.77 13.08
N GLN B 77 0.42 -11.47 13.04
CA GLN B 77 0.99 -10.62 12.00
C GLN B 77 1.23 -9.19 12.47
N ILE B 78 2.35 -8.62 12.07
CA ILE B 78 2.65 -7.23 12.40
C ILE B 78 2.97 -6.53 11.07
N PRO B 79 2.25 -5.44 10.76
CA PRO B 79 2.51 -4.71 9.52
C PRO B 79 3.89 -4.06 9.63
N CYS B 80 4.37 -3.47 8.55
CA CYS B 80 5.69 -2.86 8.56
C CYS B 80 5.69 -1.53 7.83
N ILE B 81 5.82 -0.44 8.59
CA ILE B 81 5.83 0.91 8.04
C ILE B 81 7.25 1.30 7.62
N VAL B 82 7.45 1.58 6.34
CA VAL B 82 8.76 1.98 5.84
C VAL B 82 8.69 3.41 5.31
N SER B 83 9.22 4.36 6.07
CA SER B 83 9.14 5.75 5.66
C SER B 83 10.43 6.44 5.24
N MET B 84 10.39 7.01 4.04
CA MET B 84 11.48 7.80 3.49
C MET B 84 10.90 9.19 3.28
N LEU B 85 9.81 9.50 3.99
CA LEU B 85 9.16 10.79 3.89
C LEU B 85 10.02 11.84 4.59
N THR B 86 9.90 13.09 4.15
CA THR B 86 10.69 14.17 4.75
C THR B 86 9.82 15.17 5.51
N LYS B 87 8.52 14.92 5.55
CA LYS B 87 7.60 15.79 6.25
C LYS B 87 6.42 15.01 6.79
N GLU B 88 5.67 15.62 7.70
CA GLU B 88 4.49 14.99 8.27
C GLU B 88 3.43 15.06 7.17
N LEU B 89 2.54 14.10 7.16
CA LEU B 89 1.49 14.05 6.14
C LEU B 89 0.10 13.98 6.75
N TYR B 90 -0.72 14.97 6.42
CA TYR B 90 -2.10 15.04 6.90
C TYR B 90 -2.97 15.05 5.64
N PHE B 91 -3.98 14.21 5.60
CA PHE B 91 -4.86 14.14 4.43
C PHE B 91 -5.77 15.36 4.32
N TYR B 92 -5.92 16.08 5.42
CA TYR B 92 -6.75 17.26 5.48
C TYR B 92 -5.87 18.51 5.55
N HIS B 93 -6.48 19.68 5.37
CA HIS B 93 -5.76 20.95 5.45
C HIS B 93 -6.68 22.03 6.02
C91 TQ9 C . 1.42 -15.12 0.42
C92 TQ9 C . 1.01 -14.23 -0.72
C2 TQ9 C . 0.15 -13.00 -0.47
O4 TQ9 C . 1.41 -14.48 -1.84
C5 TQ9 C . -1.13 -13.27 0.38
C7 TQ9 C . -2.35 -12.72 -0.32
O8 TQ9 C . -2.91 -13.42 -1.20
O9 TQ9 C . -2.77 -11.57 0.03
#